data_2TOH
#
_entry.id   2TOH
#
_cell.length_a   189.464
_cell.length_b   148.595
_cell.length_c   56.986
_cell.angle_alpha   90.00
_cell.angle_beta   90.00
_cell.angle_gamma   90.00
#
_symmetry.space_group_name_H-M   'F 2 2 2'
#
loop_
_entity.id
_entity.type
_entity.pdbx_description
1 polymer 'TYROSINE 3-MONOOXYGENASE'
2 non-polymer 'FE (III) ION'
3 non-polymer 'CHLORIDE ION'
4 non-polymer 7,8-DIHYDROBIOPTERIN
5 water water
#
_entity_poly.entity_id   1
_entity_poly.type   'polypeptide(L)'
_entity_poly.pdbx_seq_one_letter_code
;VRSAREDKVPWFPRKVSELDKCHHLVTKFDPDLDLDHPGFSDQVYRQRRKLIAEIAFQYKHGEPIPHVEYTAEEIATWKE
VYVTLKGLYATHACREHLEGFQLLERYCGYREDSIPQLEDVSRFLKERTGFQLRPVAGLLSARD(MTY)LASLAFRVFQC
TQYIRHASSPMHSPEPDCCHELLGHVPMLADRTFAQFSQDIGLASLGASDEEIEKLSTVYWFTVEFGLCKQNGELKAYGA
GLLSSYGELLHSLSEEPEVRAFDPDTAAVQPYQDQTYQPVYFVSESFNDAKDKLRNYASRIQRPFSVKFDPYTLAIDVLD
SPHTIQRSLEGVQDELHTLAHALSAIS
;
_entity_poly.pdbx_strand_id   A
#
# COMPACT_ATOMS: atom_id res chain seq x y z
N ARG A 5 -10.98 -14.90 13.30
CA ARG A 5 -10.90 -13.95 14.40
C ARG A 5 -12.28 -13.66 14.99
N GLU A 6 -13.29 -13.55 14.13
CA GLU A 6 -14.68 -13.25 14.51
C GLU A 6 -15.62 -14.50 14.65
N ASP A 7 -16.03 -15.08 13.53
CA ASP A 7 -16.94 -16.26 13.54
C ASP A 7 -16.54 -17.39 12.54
N LYS A 8 -17.53 -18.11 12.00
CA LYS A 8 -17.22 -19.17 11.03
C LYS A 8 -16.57 -18.36 9.91
N VAL A 9 -17.20 -17.24 9.58
CA VAL A 9 -16.68 -16.29 8.60
C VAL A 9 -16.58 -15.01 9.39
N PRO A 10 -15.35 -14.60 9.68
CA PRO A 10 -15.18 -13.37 10.42
C PRO A 10 -15.84 -12.16 9.82
N TRP A 11 -16.34 -11.27 10.68
CA TRP A 11 -16.97 -10.05 10.20
C TRP A 11 -15.96 -9.34 9.29
N PHE A 12 -16.45 -8.69 8.23
CA PHE A 12 -15.61 -7.88 7.35
C PHE A 12 -16.44 -6.68 6.92
N PRO A 13 -15.81 -5.53 6.61
CA PRO A 13 -16.52 -4.32 6.20
C PRO A 13 -17.14 -4.51 4.83
N ARG A 14 -18.33 -3.96 4.61
CA ARG A 14 -18.98 -4.04 3.28
C ARG A 14 -19.21 -2.66 2.74
N LYS A 15 -18.93 -1.65 3.57
CA LYS A 15 -19.10 -0.24 3.21
C LYS A 15 -17.82 0.50 3.59
N VAL A 16 -17.32 1.38 2.73
CA VAL A 16 -16.08 2.05 3.07
C VAL A 16 -16.24 2.76 4.43
N SER A 17 -17.44 3.22 4.69
CA SER A 17 -17.78 3.89 5.93
C SER A 17 -17.39 3.04 7.15
N GLU A 18 -17.41 1.72 7.02
CA GLU A 18 -17.11 0.82 8.13
C GLU A 18 -15.67 0.64 8.47
N LEU A 19 -14.78 1.25 7.70
CA LEU A 19 -13.38 1.19 8.06
C LEU A 19 -13.21 1.92 9.41
N ASP A 20 -14.16 2.79 9.77
CA ASP A 20 -14.08 3.49 11.06
C ASP A 20 -14.03 2.53 12.29
N LYS A 21 -14.30 1.23 12.08
CA LYS A 21 -14.32 0.19 13.11
C LYS A 21 -13.12 -0.73 12.96
N CYS A 22 -12.39 -0.60 11.87
CA CYS A 22 -11.26 -1.47 11.61
C CYS A 22 -9.99 -0.72 11.90
N HIS A 23 -10.06 0.18 12.88
CA HIS A 23 -8.94 1.05 13.30
C HIS A 23 -8.73 0.87 14.82
N HIS A 24 -9.82 0.50 15.50
CA HIS A 24 -9.85 0.23 16.93
C HIS A 24 -8.68 -0.72 17.31
N LEU A 25 -7.95 -1.21 16.30
CA LEU A 25 -6.88 -2.18 16.52
C LEU A 25 -5.44 -1.74 16.10
N VAL A 26 -4.65 -1.20 17.06
CA VAL A 26 -3.28 -0.68 16.79
C VAL A 26 -2.04 -1.31 17.51
N THR A 27 -1.24 -0.41 18.14
CA THR A 27 0.03 -0.57 18.96
C THR A 27 0.91 0.76 18.90
N PRO A 31 1.00 1.56 20.02
CA PRO A 31 1.77 2.85 20.10
C PRO A 31 3.29 2.88 20.49
N ASP A 32 3.64 3.82 21.38
CA ASP A 32 5.01 4.08 21.91
C ASP A 32 6.27 3.25 21.51
N LEU A 33 7.43 3.90 21.56
CA LEU A 33 8.70 3.30 21.13
C LEU A 33 9.44 2.27 22.00
N ASP A 34 10.45 1.65 21.37
CA ASP A 34 11.35 0.66 21.99
C ASP A 34 12.76 1.26 22.24
N LEU A 35 13.53 0.61 23.10
CA LEU A 35 14.90 1.04 23.47
C LEU A 35 15.77 1.45 22.29
N ASP A 36 15.75 0.57 21.30
CA ASP A 36 16.52 0.68 20.07
C ASP A 36 16.18 1.85 19.15
N HIS A 37 14.96 2.37 19.27
CA HIS A 37 14.45 3.44 18.42
C HIS A 37 15.16 4.78 18.58
N PRO A 38 15.48 5.42 17.43
CA PRO A 38 16.17 6.70 17.28
C PRO A 38 15.83 7.89 18.22
N GLY A 39 14.65 7.88 18.82
CA GLY A 39 14.29 9.00 19.69
C GLY A 39 13.41 8.48 20.77
N PHE A 40 13.71 7.25 21.16
CA PHE A 40 12.95 6.64 22.21
C PHE A 40 13.10 7.46 23.49
N SER A 41 14.28 8.05 23.64
CA SER A 41 14.64 8.84 24.80
C SER A 41 14.67 10.34 24.49
N ASP A 42 13.67 10.78 23.74
CA ASP A 42 13.52 12.19 23.40
C ASP A 42 12.08 12.41 23.76
N GLN A 43 11.84 13.25 24.76
CA GLN A 43 10.48 13.53 25.24
C GLN A 43 9.72 14.56 24.42
N VAL A 44 10.46 15.37 23.67
CA VAL A 44 9.85 16.41 22.85
C VAL A 44 9.25 15.70 21.63
N TYR A 45 9.93 14.65 21.20
CA TYR A 45 9.53 13.84 20.06
C TYR A 45 8.35 12.93 20.41
N ARG A 46 8.36 12.38 21.62
CA ARG A 46 7.30 11.48 22.07
C ARG A 46 6.03 12.33 22.14
N GLN A 47 6.18 13.65 22.30
CA GLN A 47 5.01 14.53 22.40
C GLN A 47 4.48 14.81 21.03
N ARG A 48 5.42 14.93 20.11
CA ARG A 48 5.12 15.19 18.71
C ARG A 48 4.29 14.00 18.20
N ARG A 49 4.72 12.79 18.49
CA ARG A 49 4.01 11.62 18.04
C ARG A 49 2.60 11.51 18.58
N LYS A 50 2.43 11.73 19.89
CA LYS A 50 1.11 11.62 20.47
C LYS A 50 0.21 12.65 19.83
N LEU A 51 0.71 13.84 19.59
CA LEU A 51 -0.14 14.84 18.98
C LEU A 51 -0.60 14.33 17.61
N ILE A 52 0.37 13.83 16.83
CA ILE A 52 0.07 13.33 15.49
C ILE A 52 -0.88 12.14 15.49
N ALA A 53 -0.53 11.08 16.22
CA ALA A 53 -1.41 9.89 16.30
C ALA A 53 -2.84 10.32 16.49
N GLU A 54 -3.01 11.34 17.34
CA GLU A 54 -4.30 11.85 17.68
C GLU A 54 -5.10 12.21 16.47
N ILE A 55 -4.47 12.72 15.40
CA ILE A 55 -5.26 13.00 14.18
C ILE A 55 -5.88 11.70 13.64
N ALA A 56 -5.12 10.61 13.70
CA ALA A 56 -5.64 9.30 13.30
C ALA A 56 -6.81 8.95 14.23
N PHE A 57 -6.54 8.74 15.51
CA PHE A 57 -7.62 8.41 16.44
C PHE A 57 -8.92 9.26 16.27
N GLN A 58 -8.81 10.52 15.86
CA GLN A 58 -10.04 11.32 15.69
C GLN A 58 -10.71 11.27 14.31
N TYR A 59 -9.97 10.76 13.33
CA TYR A 59 -10.43 10.73 11.95
C TYR A 59 -11.66 9.89 11.62
N LYS A 60 -12.60 10.44 10.86
CA LYS A 60 -13.81 9.70 10.49
C LYS A 60 -13.87 9.58 8.99
N HIS A 61 -14.33 8.44 8.48
CA HIS A 61 -14.33 8.36 7.01
C HIS A 61 -15.01 9.57 6.33
N GLY A 62 -14.35 10.13 5.33
CA GLY A 62 -14.91 11.24 4.56
C GLY A 62 -14.54 12.69 4.83
N GLU A 63 -13.84 12.96 5.92
CA GLU A 63 -13.45 14.33 6.29
C GLU A 63 -12.10 14.61 5.67
N PRO A 64 -11.82 15.88 5.33
CA PRO A 64 -10.52 16.21 4.75
C PRO A 64 -9.51 15.83 5.82
N ILE A 65 -8.32 15.38 5.44
CA ILE A 65 -7.34 14.98 6.46
C ILE A 65 -6.64 16.18 6.99
N PRO A 66 -6.66 16.37 8.33
CA PRO A 66 -6.01 17.52 8.94
C PRO A 66 -4.54 17.70 8.53
N HIS A 67 -4.20 18.92 8.12
CA HIS A 67 -2.83 19.28 7.76
C HIS A 67 -2.01 19.20 9.04
N VAL A 68 -0.71 18.99 8.93
CA VAL A 68 0.22 18.97 10.07
C VAL A 68 1.26 20.01 9.68
N GLU A 69 1.58 20.92 10.61
CA GLU A 69 2.59 21.97 10.35
C GLU A 69 3.96 21.38 10.74
N TYR A 70 4.74 20.99 9.74
CA TYR A 70 6.01 20.37 10.05
C TYR A 70 7.11 21.35 10.54
N THR A 71 7.80 21.00 11.63
CA THR A 71 8.92 21.82 12.16
C THR A 71 10.11 21.74 11.21
N ALA A 72 10.96 22.74 11.26
CA ALA A 72 12.09 22.77 10.37
C ALA A 72 12.99 21.54 10.48
N GLU A 73 13.08 20.91 11.65
CA GLU A 73 13.97 19.79 11.73
C GLU A 73 13.25 18.60 11.09
N GLU A 74 11.93 18.54 11.26
CA GLU A 74 11.18 17.45 10.64
C GLU A 74 11.40 17.57 9.14
N ILE A 75 11.31 18.79 8.61
CA ILE A 75 11.50 19.00 7.18
C ILE A 75 12.91 18.64 6.80
N ALA A 76 13.78 18.70 7.79
CA ALA A 76 15.20 18.40 7.62
C ALA A 76 15.39 16.90 7.43
N THR A 77 14.84 16.12 8.35
CA THR A 77 14.91 14.69 8.26
C THR A 77 14.34 14.32 6.86
N TRP A 78 13.17 14.88 6.51
CA TRP A 78 12.59 14.65 5.17
C TRP A 78 13.56 14.97 4.05
N LYS A 79 14.14 16.18 4.03
CA LYS A 79 15.06 16.58 2.94
C LYS A 79 16.15 15.54 2.70
N GLU A 80 16.58 14.86 3.73
CA GLU A 80 17.67 13.87 3.58
C GLU A 80 17.22 12.54 2.96
N VAL A 81 16.16 11.98 3.54
CA VAL A 81 15.59 10.72 3.05
C VAL A 81 15.29 10.92 1.57
N TYR A 82 14.66 12.05 1.28
CA TYR A 82 14.28 12.41 -0.07
C TYR A 82 15.47 12.44 -1.00
N VAL A 83 16.29 13.49 -0.89
CA VAL A 83 17.46 13.66 -1.76
C VAL A 83 18.28 12.37 -2.00
N THR A 84 18.64 11.65 -0.93
CA THR A 84 19.42 10.47 -1.15
C THR A 84 18.64 9.31 -1.81
N LEU A 85 17.33 9.13 -1.60
CA LEU A 85 16.67 8.07 -2.37
C LEU A 85 16.50 8.59 -3.81
N LYS A 86 16.23 9.87 -3.96
CA LYS A 86 16.01 10.46 -5.26
C LYS A 86 17.14 9.99 -6.13
N GLY A 87 18.37 10.06 -5.60
CA GLY A 87 19.56 9.63 -6.35
C GLY A 87 19.62 8.19 -6.85
N LEU A 88 18.93 7.24 -6.21
CA LEU A 88 18.93 5.85 -6.72
C LEU A 88 17.76 5.55 -7.68
N TYR A 89 16.67 6.31 -7.63
CA TYR A 89 15.53 5.97 -8.46
C TYR A 89 15.75 5.75 -9.96
N ALA A 90 16.43 6.68 -10.65
CA ALA A 90 16.67 6.51 -12.08
C ALA A 90 17.28 5.17 -12.46
N THR A 91 18.13 4.60 -11.60
CA THR A 91 18.78 3.35 -11.91
C THR A 91 18.12 2.12 -11.23
N HIS A 92 17.59 2.30 -10.05
CA HIS A 92 17.04 1.17 -9.32
C HIS A 92 15.49 1.00 -9.28
N ALA A 93 14.76 2.03 -9.69
CA ALA A 93 13.32 1.96 -9.56
C ALA A 93 12.61 1.47 -10.80
N CYS A 94 11.44 0.85 -10.62
CA CYS A 94 10.67 0.44 -11.80
C CYS A 94 10.08 1.68 -12.42
N ARG A 95 9.86 1.57 -13.71
CA ARG A 95 9.27 2.61 -14.52
C ARG A 95 7.96 3.19 -13.84
N GLU A 96 7.16 2.34 -13.20
CA GLU A 96 5.91 2.79 -12.58
C GLU A 96 6.22 3.83 -11.49
N HIS A 97 7.27 3.55 -10.73
CA HIS A 97 7.66 4.46 -9.66
C HIS A 97 8.22 5.79 -10.22
N LEU A 98 9.01 5.73 -11.29
CA LEU A 98 9.53 7.00 -11.87
C LEU A 98 8.35 7.84 -12.35
N GLU A 99 7.47 7.26 -13.17
CA GLU A 99 6.26 7.89 -13.71
C GLU A 99 5.43 8.48 -12.56
N GLY A 100 5.12 7.67 -11.55
CA GLY A 100 4.35 8.25 -10.47
C GLY A 100 5.08 9.30 -9.67
N PHE A 101 6.39 9.17 -9.48
CA PHE A 101 7.14 10.17 -8.68
C PHE A 101 7.16 11.50 -9.52
N GLN A 102 7.35 11.40 -10.80
CA GLN A 102 7.31 12.59 -11.59
C GLN A 102 5.91 13.29 -11.45
N LEU A 103 4.80 12.54 -11.55
CA LEU A 103 3.47 13.18 -11.42
C LEU A 103 3.29 13.81 -10.04
N LEU A 104 3.78 13.17 -8.97
CA LEU A 104 3.66 13.71 -7.64
C LEU A 104 4.41 15.02 -7.60
N GLU A 105 5.52 15.08 -8.30
CA GLU A 105 6.29 16.32 -8.31
C GLU A 105 5.54 17.37 -9.11
N ARG A 106 5.01 17.02 -10.25
CA ARG A 106 4.32 18.00 -11.07
C ARG A 106 2.98 18.50 -10.51
N TYR A 107 2.31 17.68 -9.69
CA TYR A 107 1.01 18.11 -9.17
C TYR A 107 0.80 17.91 -7.69
N CYS A 108 1.83 17.59 -6.94
CA CYS A 108 1.53 17.36 -5.56
C CYS A 108 2.62 17.93 -4.72
N GLY A 109 3.33 18.87 -5.34
CA GLY A 109 4.40 19.57 -4.65
C GLY A 109 5.39 18.70 -3.92
N TYR A 110 5.73 17.55 -4.48
CA TYR A 110 6.73 16.70 -3.86
C TYR A 110 8.03 17.46 -4.05
N ARG A 111 8.73 17.78 -2.96
CA ARG A 111 10.01 18.46 -3.12
C ARG A 111 10.88 18.25 -1.90
N GLU A 112 12.15 18.58 -1.99
CA GLU A 112 12.98 18.30 -0.83
C GLU A 112 12.82 19.20 0.41
N ASP A 113 12.34 20.42 0.23
CA ASP A 113 12.21 21.33 1.38
C ASP A 113 10.84 21.45 2.03
N SER A 114 9.91 20.56 1.67
CA SER A 114 8.55 20.59 2.22
C SER A 114 7.96 19.18 2.28
N ILE A 115 7.43 18.78 3.44
CA ILE A 115 6.76 17.49 3.61
C ILE A 115 5.36 17.68 3.00
N PRO A 116 4.90 16.75 2.14
CA PRO A 116 3.58 16.86 1.51
C PRO A 116 2.52 16.57 2.53
N GLN A 117 1.33 17.15 2.37
CA GLN A 117 0.19 16.92 3.27
C GLN A 117 -0.69 15.76 2.72
N LEU A 118 -1.01 14.79 3.58
CA LEU A 118 -1.89 13.68 3.25
C LEU A 118 -3.12 14.04 2.41
N GLU A 119 -3.87 15.06 2.82
CA GLU A 119 -5.06 15.40 2.06
C GLU A 119 -4.70 15.78 0.63
N ASP A 120 -3.60 16.51 0.38
CA ASP A 120 -3.32 16.84 -1.06
C ASP A 120 -2.93 15.53 -1.81
N VAL A 121 -2.25 14.61 -1.14
CA VAL A 121 -1.85 13.35 -1.79
C VAL A 121 -3.04 12.42 -2.09
N SER A 122 -4.01 12.37 -1.15
CA SER A 122 -5.20 11.53 -1.24
C SER A 122 -6.05 11.99 -2.45
N ARG A 123 -6.16 13.30 -2.55
CA ARG A 123 -6.89 13.98 -3.60
C ARG A 123 -6.25 13.52 -4.93
N PHE A 124 -4.91 13.60 -4.95
CA PHE A 124 -4.20 13.23 -6.15
C PHE A 124 -4.42 11.75 -6.47
N LEU A 125 -4.27 10.87 -5.49
CA LEU A 125 -4.49 9.48 -5.80
C LEU A 125 -5.96 9.27 -6.26
N LYS A 126 -6.94 9.89 -5.60
CA LYS A 126 -8.34 9.69 -5.98
C LYS A 126 -8.64 9.94 -7.43
N GLU A 127 -8.07 10.98 -8.00
CA GLU A 127 -8.29 11.29 -9.39
C GLU A 127 -7.39 10.46 -10.30
N ARG A 128 -6.43 9.75 -9.72
CA ARG A 128 -5.57 9.04 -10.59
C ARG A 128 -5.93 7.58 -10.62
N THR A 129 -6.22 6.97 -9.45
CA THR A 129 -6.52 5.55 -9.47
C THR A 129 -7.69 5.20 -8.60
N GLY A 130 -8.24 6.20 -7.90
CA GLY A 130 -9.33 5.90 -6.99
C GLY A 130 -8.86 5.54 -5.59
N PHE A 131 -7.56 5.57 -5.36
CA PHE A 131 -7.07 5.25 -4.04
C PHE A 131 -7.20 6.52 -3.15
N GLN A 132 -7.31 6.31 -1.85
CA GLN A 132 -7.37 7.46 -0.96
C GLN A 132 -6.54 7.11 0.27
N LEU A 133 -6.10 8.12 1.02
CA LEU A 133 -5.35 7.86 2.23
C LEU A 133 -6.24 8.01 3.48
N ARG A 134 -5.86 7.36 4.55
CA ARG A 134 -6.59 7.45 5.81
C ARG A 134 -5.43 7.58 6.77
N PRO A 135 -5.42 8.58 7.64
CA PRO A 135 -4.32 8.75 8.60
C PRO A 135 -4.38 7.63 9.60
N VAL A 136 -3.24 7.00 9.88
CA VAL A 136 -3.19 5.87 10.81
C VAL A 136 -2.10 6.08 11.84
N ALA A 137 -2.40 5.67 13.07
CA ALA A 137 -1.50 5.89 14.18
C ALA A 137 -0.28 5.03 14.24
N GLY A 138 -0.22 4.00 13.39
CA GLY A 138 0.98 3.16 13.39
C GLY A 138 0.64 1.69 13.54
N LEU A 139 1.16 0.88 12.63
CA LEU A 139 0.89 -0.56 12.59
C LEU A 139 -0.47 -1.06 13.09
N LEU A 140 -1.30 -1.44 12.10
CA LEU A 140 -2.65 -2.00 12.24
C LEU A 140 -2.62 -3.55 12.19
N SER A 141 -3.73 -4.21 12.58
CA SER A 141 -3.77 -5.69 12.45
C SER A 141 -3.73 -6.04 10.95
N ALA A 142 -3.17 -7.20 10.62
CA ALA A 142 -3.10 -7.67 9.24
C ALA A 142 -4.50 -7.60 8.55
N ARG A 143 -5.51 -8.18 9.20
CA ARG A 143 -6.84 -8.20 8.64
C ARG A 143 -7.34 -6.73 8.41
N ASP A 144 -7.19 -5.85 9.38
CA ASP A 144 -7.67 -4.51 9.16
C ASP A 144 -6.92 -3.72 8.10
N LEU A 146 -5.33 -5.08 5.40
CA LEU A 146 -5.69 -5.63 4.11
C LEU A 146 -7.15 -5.26 3.81
N ALA A 147 -8.02 -5.26 4.81
CA ALA A 147 -9.44 -4.92 4.62
C ALA A 147 -9.58 -3.51 4.07
N SER A 148 -8.69 -2.63 4.48
CA SER A 148 -8.72 -1.24 3.98
C SER A 148 -8.25 -1.23 2.52
N LEU A 149 -7.20 -1.97 2.20
CA LEU A 149 -6.77 -2.04 0.81
C LEU A 149 -7.98 -2.44 -0.11
N ALA A 150 -8.92 -3.24 0.42
CA ALA A 150 -10.12 -3.65 -0.36
C ALA A 150 -10.99 -2.54 -0.86
N PHE A 151 -10.95 -1.40 -0.18
CA PHE A 151 -11.75 -0.27 -0.65
C PHE A 151 -10.87 0.78 -1.34
N ARG A 152 -9.63 0.40 -1.62
CA ARG A 152 -8.61 1.28 -2.21
C ARG A 152 -8.29 2.40 -1.26
N VAL A 153 -8.28 2.04 0.03
CA VAL A 153 -7.93 2.98 1.09
C VAL A 153 -6.58 2.60 1.70
N PHE A 154 -5.58 3.48 1.61
CA PHE A 154 -4.27 3.19 2.19
C PHE A 154 -4.15 3.84 3.60
N GLN A 155 -3.96 3.00 4.62
CA GLN A 155 -3.83 3.45 6.03
C GLN A 155 -2.42 4.10 6.06
N CYS A 156 -2.35 5.42 6.25
CA CYS A 156 -1.08 6.09 6.10
C CYS A 156 -0.59 6.88 7.31
N THR A 157 0.66 6.68 7.72
CA THR A 157 1.23 7.41 8.88
C THR A 157 1.58 8.84 8.47
N GLN A 158 1.36 9.75 9.43
CA GLN A 158 1.61 11.19 9.32
C GLN A 158 2.91 11.72 10.03
N TYR A 159 3.40 11.03 11.07
CA TYR A 159 4.59 11.46 11.82
C TYR A 159 5.94 11.09 11.13
N ILE A 160 6.95 11.93 11.26
CA ILE A 160 8.27 11.73 10.66
C ILE A 160 9.13 10.86 11.60
N ARG A 161 10.17 10.23 11.06
CA ARG A 161 11.02 9.42 11.90
C ARG A 161 11.99 10.36 12.66
N HIS A 162 12.50 9.91 13.81
CA HIS A 162 13.41 10.72 14.62
C HIS A 162 14.63 11.21 13.87
N ALA A 163 14.85 12.53 13.93
CA ALA A 163 15.94 13.18 13.19
C ALA A 163 17.39 12.71 13.34
N SER A 164 17.69 11.92 14.36
CA SER A 164 19.06 11.45 14.57
C SER A 164 19.49 10.34 13.60
N SER A 165 18.54 9.55 13.12
CA SER A 165 18.88 8.50 12.16
C SER A 165 17.92 8.63 11.00
N PRO A 166 18.16 9.63 10.15
CA PRO A 166 17.33 9.89 8.99
C PRO A 166 17.42 8.78 7.92
N MET A 167 18.54 8.08 7.87
CA MET A 167 18.74 7.01 6.89
C MET A 167 18.12 5.67 7.28
N HIS A 168 17.79 5.50 8.57
CA HIS A 168 17.16 4.27 9.01
C HIS A 168 15.95 4.50 9.90
N SER A 169 14.82 3.87 9.54
CA SER A 169 13.56 3.97 10.30
C SER A 169 12.88 2.60 10.47
N PRO A 170 12.79 2.11 11.71
CA PRO A 170 12.16 0.79 11.94
C PRO A 170 10.73 0.81 11.43
N GLU A 171 9.88 1.49 12.18
CA GLU A 171 8.46 1.62 11.79
C GLU A 171 8.22 2.45 10.51
N PRO A 172 7.10 2.17 9.85
CA PRO A 172 6.77 2.91 8.63
C PRO A 172 6.52 4.37 9.06
N ASP A 173 7.08 5.35 8.37
CA ASP A 173 6.84 6.74 8.75
C ASP A 173 6.27 7.43 7.51
N CYS A 174 6.08 8.74 7.54
CA CYS A 174 5.49 9.33 6.35
C CYS A 174 6.48 9.32 5.21
N CYS A 175 7.77 9.21 5.54
CA CYS A 175 8.74 9.18 4.46
C CYS A 175 8.55 7.90 3.67
N HIS A 176 8.46 6.80 4.42
CA HIS A 176 8.25 5.47 3.81
C HIS A 176 6.93 5.41 3.05
N GLU A 177 5.84 5.98 3.61
CA GLU A 177 4.53 5.98 2.97
C GLU A 177 4.56 6.84 1.72
N LEU A 178 5.05 8.08 1.89
CA LEU A 178 4.98 8.97 0.76
C LEU A 178 5.99 8.76 -0.31
N LEU A 179 7.13 8.22 0.06
CA LEU A 179 8.13 7.99 -0.98
C LEU A 179 8.13 6.54 -1.39
N GLY A 180 7.75 5.64 -0.51
CA GLY A 180 7.75 4.22 -0.86
C GLY A 180 6.48 3.59 -1.44
N HIS A 181 5.31 4.02 -1.01
CA HIS A 181 4.08 3.42 -1.45
C HIS A 181 3.29 4.18 -2.42
N VAL A 182 3.04 5.43 -2.07
CA VAL A 182 2.21 6.31 -2.85
C VAL A 182 2.44 6.37 -4.32
N PRO A 183 3.71 6.51 -4.74
CA PRO A 183 4.03 6.59 -6.16
C PRO A 183 3.54 5.36 -6.97
N MET A 184 3.77 4.14 -6.49
CA MET A 184 3.30 2.93 -7.23
C MET A 184 1.77 2.90 -7.26
N LEU A 185 1.09 3.47 -6.25
CA LEU A 185 -0.34 3.49 -6.18
C LEU A 185 -0.93 4.38 -7.25
N ALA A 186 -0.11 5.23 -7.89
CA ALA A 186 -0.60 6.06 -9.00
C ALA A 186 -0.65 5.28 -10.29
N ASP A 187 -0.15 4.03 -10.32
CA ASP A 187 -0.21 3.21 -11.51
C ASP A 187 -1.48 2.33 -11.44
N ARG A 188 -2.27 2.35 -12.50
CA ARG A 188 -3.53 1.58 -12.65
C ARG A 188 -3.40 0.08 -12.31
N THR A 189 -2.48 -0.62 -12.97
CA THR A 189 -2.34 -2.07 -12.71
C THR A 189 -1.90 -2.34 -11.28
N PHE A 190 -0.89 -1.60 -10.80
CA PHE A 190 -0.48 -1.84 -9.42
C PHE A 190 -1.62 -1.55 -8.44
N ALA A 191 -2.38 -0.48 -8.69
CA ALA A 191 -3.44 -0.13 -7.76
C ALA A 191 -4.47 -1.29 -7.66
N GLN A 192 -4.78 -1.91 -8.81
CA GLN A 192 -5.70 -3.01 -8.84
C GLN A 192 -5.08 -4.23 -8.12
N PHE A 193 -3.76 -4.45 -8.26
CA PHE A 193 -3.08 -5.58 -7.64
C PHE A 193 -3.21 -5.39 -6.13
N SER A 194 -2.92 -4.18 -5.68
CA SER A 194 -3.03 -3.92 -4.25
C SER A 194 -4.47 -4.20 -3.75
N GLN A 195 -5.50 -3.61 -4.42
CA GLN A 195 -6.88 -3.83 -3.96
C GLN A 195 -7.20 -5.30 -4.00
N ASP A 196 -6.72 -6.02 -5.02
CA ASP A 196 -7.03 -7.41 -5.09
C ASP A 196 -6.58 -8.14 -3.82
N ILE A 197 -5.40 -7.79 -3.28
CA ILE A 197 -4.95 -8.48 -2.09
C ILE A 197 -5.92 -8.24 -0.98
N GLY A 198 -6.36 -7.00 -0.80
CA GLY A 198 -7.33 -6.74 0.23
C GLY A 198 -8.67 -7.41 -0.10
N LEU A 199 -9.11 -7.38 -1.36
CA LEU A 199 -10.36 -8.01 -1.72
C LEU A 199 -10.34 -9.52 -1.31
N ALA A 200 -9.24 -10.21 -1.60
CA ALA A 200 -9.10 -11.61 -1.24
C ALA A 200 -9.06 -11.84 0.29
N SER A 201 -8.69 -10.81 1.05
CA SER A 201 -8.55 -11.05 2.47
C SER A 201 -9.85 -11.08 3.21
N LEU A 202 -10.85 -10.38 2.67
CA LEU A 202 -12.19 -10.22 3.27
C LEU A 202 -12.89 -11.50 3.76
N GLY A 203 -12.97 -11.65 5.10
CA GLY A 203 -13.62 -12.78 5.76
C GLY A 203 -12.82 -14.07 5.65
N ALA A 204 -11.53 -13.94 5.41
CA ALA A 204 -10.70 -15.12 5.30
C ALA A 204 -10.22 -15.50 6.72
N SER A 205 -9.82 -16.76 6.88
CA SER A 205 -9.32 -17.27 8.18
C SER A 205 -8.04 -16.54 8.54
N ASP A 206 -7.70 -16.57 9.83
CA ASP A 206 -6.49 -15.88 10.30
C ASP A 206 -5.23 -16.42 9.66
N GLU A 207 -5.34 -17.64 9.17
CA GLU A 207 -4.25 -18.33 8.56
C GLU A 207 -4.13 -17.83 7.16
N GLU A 208 -5.29 -17.59 6.55
CA GLU A 208 -5.26 -17.11 5.19
C GLU A 208 -4.77 -15.65 5.26
N ILE A 209 -5.19 -14.93 6.27
CA ILE A 209 -4.72 -13.58 6.40
C ILE A 209 -3.22 -13.61 6.48
N GLU A 210 -2.69 -14.64 7.15
CA GLU A 210 -1.24 -14.71 7.34
C GLU A 210 -0.53 -14.96 6.05
N LYS A 211 -1.09 -15.84 5.24
CA LYS A 211 -0.48 -16.12 3.95
C LYS A 211 -0.50 -14.89 3.04
N LEU A 212 -1.57 -14.12 3.14
CA LEU A 212 -1.84 -12.94 2.36
C LEU A 212 -0.88 -11.83 2.76
N SER A 213 -0.75 -11.57 4.07
CA SER A 213 0.21 -10.60 4.59
C SER A 213 1.60 -10.86 4.01
N THR A 214 1.94 -12.14 3.90
CA THR A 214 3.23 -12.60 3.38
C THR A 214 3.34 -12.38 1.87
N VAL A 215 2.26 -12.63 1.15
CA VAL A 215 2.32 -12.35 -0.27
C VAL A 215 2.58 -10.83 -0.40
N TYR A 216 1.85 -10.03 0.39
CA TYR A 216 1.98 -8.56 0.38
C TYR A 216 3.43 -8.14 0.70
N TRP A 217 4.03 -8.82 1.69
CA TRP A 217 5.36 -8.49 2.11
C TRP A 217 6.37 -8.61 1.00
N PHE A 218 6.25 -9.73 0.30
CA PHE A 218 7.09 -10.06 -0.81
C PHE A 218 6.72 -9.43 -2.09
N THR A 219 5.68 -8.59 -2.06
CA THR A 219 5.36 -7.85 -3.28
C THR A 219 5.32 -6.33 -3.03
N VAL A 220 4.22 -5.85 -2.45
CA VAL A 220 3.99 -4.45 -2.15
C VAL A 220 5.14 -3.90 -1.30
N GLU A 221 5.57 -4.66 -0.30
CA GLU A 221 6.64 -4.15 0.55
C GLU A 221 8.02 -4.41 0.03
N PHE A 222 8.31 -5.63 -0.46
CA PHE A 222 9.65 -5.92 -0.95
C PHE A 222 9.76 -6.61 -2.30
N GLY A 223 8.82 -6.32 -3.21
CA GLY A 223 8.85 -6.98 -4.52
C GLY A 223 9.82 -6.40 -5.55
N LEU A 224 10.23 -7.25 -6.49
CA LEU A 224 11.11 -6.88 -7.59
C LEU A 224 10.37 -7.26 -8.87
N CYS A 225 10.71 -6.62 -9.98
CA CYS A 225 10.08 -6.96 -11.25
C CYS A 225 11.15 -6.79 -12.28
N LYS A 226 10.91 -7.30 -13.48
CA LYS A 226 11.90 -7.25 -14.54
C LYS A 226 11.27 -6.41 -15.66
N GLN A 227 12.06 -5.52 -16.27
CA GLN A 227 11.61 -4.60 -17.32
C GLN A 227 12.73 -4.44 -18.33
N ASN A 228 12.48 -4.79 -19.61
CA ASN A 228 13.53 -4.75 -20.63
C ASN A 228 14.62 -5.60 -20.07
N GLY A 229 14.27 -6.77 -19.58
CA GLY A 229 15.28 -7.69 -19.05
C GLY A 229 16.21 -7.17 -17.97
N GLU A 230 15.81 -6.14 -17.24
CA GLU A 230 16.63 -5.65 -16.12
C GLU A 230 15.68 -5.83 -14.94
N LEU A 231 16.30 -5.98 -13.79
CA LEU A 231 15.63 -6.17 -12.54
C LEU A 231 15.44 -4.81 -11.85
N LYS A 232 14.24 -4.55 -11.29
CA LYS A 232 13.93 -3.24 -10.66
C LYS A 232 13.07 -3.40 -9.41
N ALA A 233 13.21 -2.46 -8.48
CA ALA A 233 12.44 -2.56 -7.27
C ALA A 233 11.04 -1.90 -7.45
N TYR A 234 10.04 -2.36 -6.72
CA TYR A 234 8.72 -1.71 -6.73
C TYR A 234 8.18 -1.80 -5.29
N GLY A 235 8.83 -2.64 -4.47
CA GLY A 235 8.40 -2.74 -3.09
C GLY A 235 8.70 -1.43 -2.33
N ALA A 236 7.69 -0.99 -1.59
CA ALA A 236 7.83 0.22 -0.82
C ALA A 236 8.97 0.13 0.19
N GLY A 237 9.19 -1.06 0.73
CA GLY A 237 10.22 -1.17 1.73
C GLY A 237 11.57 -0.98 1.08
N LEU A 238 11.65 -1.24 -0.22
CA LEU A 238 12.88 -1.02 -0.94
C LEU A 238 12.99 0.41 -1.45
N LEU A 239 11.88 0.97 -1.97
CA LEU A 239 11.91 2.31 -2.52
C LEU A 239 12.13 3.36 -1.42
N SER A 240 11.97 2.98 -0.15
CA SER A 240 12.18 3.94 0.93
C SER A 240 13.42 3.60 1.76
N SER A 241 14.27 2.70 1.27
CA SER A 241 15.44 2.38 2.05
C SER A 241 16.70 2.42 1.21
N TYR A 242 17.55 3.40 1.48
CA TYR A 242 18.78 3.56 0.70
C TYR A 242 19.57 2.26 0.59
N GLY A 243 19.82 1.66 1.76
CA GLY A 243 20.62 0.43 1.79
C GLY A 243 20.00 -0.84 1.22
N GLU A 244 18.73 -1.03 1.51
CA GLU A 244 18.05 -2.24 1.05
C GLU A 244 17.94 -2.11 -0.47
N LEU A 245 17.64 -0.91 -0.97
CA LEU A 245 17.53 -0.69 -2.42
C LEU A 245 18.78 -1.17 -3.16
N LEU A 246 19.98 -0.77 -2.70
CA LEU A 246 21.22 -1.23 -3.38
C LEU A 246 21.37 -2.74 -3.30
N HIS A 247 21.27 -3.28 -2.10
CA HIS A 247 21.34 -4.72 -1.89
C HIS A 247 20.31 -5.53 -2.69
N SER A 248 19.07 -5.06 -2.86
CA SER A 248 18.08 -5.86 -3.61
C SER A 248 18.42 -6.10 -5.05
N LEU A 249 19.22 -5.22 -5.63
CA LEU A 249 19.57 -5.44 -7.01
C LEU A 249 21.02 -5.99 -7.09
N SER A 250 21.63 -6.27 -5.95
CA SER A 250 23.00 -6.80 -5.96
C SER A 250 23.09 -8.31 -6.23
N GLU A 251 24.30 -8.85 -6.07
CA GLU A 251 24.50 -10.26 -6.30
C GLU A 251 24.37 -10.99 -4.98
N GLU A 252 24.15 -10.26 -3.89
CA GLU A 252 24.02 -10.93 -2.59
C GLU A 252 22.77 -11.81 -2.27
N PRO A 253 21.53 -11.28 -2.40
CA PRO A 253 20.35 -12.10 -2.08
C PRO A 253 20.01 -13.00 -3.20
N GLU A 254 19.08 -13.92 -2.97
CA GLU A 254 18.58 -14.83 -4.00
C GLU A 254 17.23 -14.27 -4.51
N VAL A 255 16.98 -14.35 -5.81
CA VAL A 255 15.73 -13.85 -6.36
C VAL A 255 15.00 -14.98 -7.06
N ARG A 256 13.79 -15.24 -6.59
CA ARG A 256 12.94 -16.29 -7.15
C ARG A 256 11.79 -15.76 -7.97
N ALA A 257 11.28 -16.55 -8.89
CA ALA A 257 10.14 -16.13 -9.72
C ALA A 257 8.98 -15.86 -8.78
N PHE A 258 8.18 -14.83 -9.01
CA PHE A 258 7.09 -14.61 -8.09
C PHE A 258 6.04 -15.65 -8.36
N ASP A 259 5.60 -16.31 -7.30
CA ASP A 259 4.60 -17.33 -7.38
C ASP A 259 3.92 -17.13 -6.05
N PRO A 260 2.61 -16.84 -6.07
CA PRO A 260 1.82 -16.60 -4.88
C PRO A 260 1.91 -17.71 -3.86
N ASP A 261 1.94 -18.98 -4.30
CA ASP A 261 2.00 -20.01 -3.29
C ASP A 261 3.33 -20.13 -2.56
N THR A 262 4.43 -20.03 -3.31
CA THR A 262 5.78 -20.10 -2.71
C THR A 262 5.96 -18.89 -1.75
N ALA A 263 5.66 -17.69 -2.24
CA ALA A 263 5.80 -16.52 -1.41
C ALA A 263 4.97 -16.56 -0.16
N ALA A 264 3.72 -17.06 -0.25
CA ALA A 264 2.80 -17.13 0.90
C ALA A 264 3.38 -17.86 2.12
N VAL A 265 4.35 -18.73 1.85
CA VAL A 265 4.94 -19.44 2.95
C VAL A 265 6.42 -19.18 3.09
N GLN A 266 6.97 -18.20 2.38
CA GLN A 266 8.39 -17.90 2.58
C GLN A 266 8.53 -17.16 3.90
N PRO A 267 9.35 -17.66 4.85
CA PRO A 267 9.48 -16.91 6.12
C PRO A 267 10.31 -15.64 5.91
N TYR A 268 10.28 -14.75 6.87
CA TYR A 268 11.03 -13.53 6.72
C TYR A 268 11.13 -12.91 8.08
N GLN A 269 12.07 -11.97 8.23
CA GLN A 269 12.32 -11.24 9.49
C GLN A 269 12.23 -9.80 9.07
N ASP A 270 12.35 -8.85 9.99
CA ASP A 270 12.28 -7.49 9.51
C ASP A 270 13.42 -6.56 9.96
N GLN A 271 14.31 -7.00 10.84
CA GLN A 271 15.37 -6.10 11.27
C GLN A 271 16.47 -5.97 10.22
N THR A 272 16.91 -7.08 9.63
CA THR A 272 17.93 -6.98 8.61
C THR A 272 17.41 -7.17 7.19
N TYR A 273 18.23 -6.78 6.22
CA TYR A 273 17.85 -6.87 4.84
C TYR A 273 17.38 -8.27 4.48
N GLN A 274 16.53 -8.33 3.45
CA GLN A 274 15.94 -9.57 2.91
C GLN A 274 16.95 -10.47 2.18
N PRO A 275 17.02 -11.78 2.51
CA PRO A 275 17.96 -12.67 1.81
C PRO A 275 17.26 -13.26 0.53
N VAL A 276 15.94 -13.18 0.48
CA VAL A 276 15.22 -13.69 -0.68
C VAL A 276 14.15 -12.66 -1.17
N TYR A 277 14.01 -12.49 -2.49
CA TYR A 277 13.03 -11.58 -3.09
C TYR A 277 12.41 -12.33 -4.27
N PHE A 278 11.20 -11.92 -4.67
CA PHE A 278 10.53 -12.51 -5.80
C PHE A 278 10.30 -11.42 -6.83
N VAL A 279 10.61 -11.80 -8.06
CA VAL A 279 10.55 -10.97 -9.24
C VAL A 279 9.25 -11.28 -10.01
N SER A 280 8.41 -10.30 -10.29
CA SER A 280 7.26 -10.68 -11.10
C SER A 280 7.67 -10.23 -12.53
N GLU A 281 7.13 -10.87 -13.57
CA GLU A 281 7.42 -10.48 -14.96
C GLU A 281 6.74 -9.16 -15.35
N SER A 282 5.50 -8.94 -14.93
CA SER A 282 4.83 -7.68 -15.23
C SER A 282 3.72 -7.59 -14.21
N PHE A 283 3.20 -6.40 -13.94
CA PHE A 283 2.14 -6.41 -12.94
C PHE A 283 0.91 -7.11 -13.38
N ASN A 284 0.65 -7.12 -14.69
CA ASN A 284 -0.53 -7.86 -15.18
C ASN A 284 -0.33 -9.35 -14.89
N ASP A 285 0.93 -9.80 -15.00
CA ASP A 285 1.25 -11.19 -14.77
C ASP A 285 1.11 -11.51 -13.29
N ALA A 286 1.64 -10.67 -12.41
CA ALA A 286 1.54 -10.98 -10.99
C ALA A 286 0.10 -10.82 -10.56
N LYS A 287 -0.66 -9.98 -11.24
CA LYS A 287 -2.06 -9.79 -10.88
C LYS A 287 -2.86 -11.07 -11.24
N ASP A 288 -2.56 -11.61 -12.41
CA ASP A 288 -3.23 -12.83 -12.80
C ASP A 288 -2.83 -13.95 -11.84
N LYS A 289 -1.53 -14.07 -11.54
CA LYS A 289 -1.09 -15.15 -10.64
C LYS A 289 -1.76 -15.02 -9.26
N LEU A 290 -1.96 -13.79 -8.81
CA LEU A 290 -2.54 -13.58 -7.49
C LEU A 290 -4.00 -13.89 -7.43
N ARG A 291 -4.70 -13.72 -8.55
CA ARG A 291 -6.12 -14.03 -8.57
C ARG A 291 -6.38 -15.54 -8.73
N ASN A 292 -5.48 -16.21 -9.42
CA ASN A 292 -5.65 -17.64 -9.49
C ASN A 292 -5.45 -18.14 -8.06
N TYR A 293 -4.58 -17.47 -7.31
CA TYR A 293 -4.30 -17.82 -5.92
C TYR A 293 -5.47 -17.56 -4.98
N ALA A 294 -6.19 -16.46 -5.10
CA ALA A 294 -7.26 -16.27 -4.10
C ALA A 294 -8.44 -17.13 -4.53
N SER A 295 -8.36 -17.61 -5.77
CA SER A 295 -9.35 -18.48 -6.39
C SER A 295 -9.32 -19.83 -5.62
N ARG A 296 -8.13 -20.40 -5.45
CA ARG A 296 -7.97 -21.65 -4.71
C ARG A 296 -8.22 -21.41 -3.20
N ILE A 297 -8.56 -20.19 -2.79
CA ILE A 297 -8.84 -19.93 -1.37
C ILE A 297 -10.23 -20.46 -0.95
N GLN A 298 -10.28 -21.29 0.09
CA GLN A 298 -11.54 -21.87 0.59
C GLN A 298 -12.51 -20.74 0.97
N ARG A 299 -13.61 -20.58 0.24
CA ARG A 299 -14.58 -19.50 0.58
C ARG A 299 -15.91 -19.85 -0.07
N PRO A 300 -17.01 -19.71 0.64
CA PRO A 300 -18.27 -20.06 -0.01
C PRO A 300 -18.97 -18.89 -0.76
N PHE A 301 -18.21 -17.88 -1.13
CA PHE A 301 -18.72 -16.70 -1.84
C PHE A 301 -17.47 -16.03 -2.45
N SER A 302 -17.67 -14.86 -3.04
CA SER A 302 -16.61 -14.15 -3.64
C SER A 302 -17.09 -12.75 -3.45
N VAL A 303 -16.20 -11.78 -3.58
CA VAL A 303 -16.56 -10.38 -3.40
C VAL A 303 -16.20 -9.62 -4.64
N LYS A 304 -16.88 -8.51 -4.87
CA LYS A 304 -16.59 -7.67 -6.05
C LYS A 304 -16.85 -6.26 -5.53
N PHE A 305 -15.93 -5.35 -5.83
CA PHE A 305 -16.02 -3.96 -5.41
C PHE A 305 -17.05 -3.16 -6.21
N ASP A 306 -17.82 -2.31 -5.55
CA ASP A 306 -18.72 -1.45 -6.27
C ASP A 306 -18.03 -0.09 -6.11
N PRO A 307 -17.39 0.41 -7.17
CA PRO A 307 -16.68 1.70 -7.19
C PRO A 307 -17.63 2.90 -7.10
N TYR A 308 -18.88 2.74 -7.53
CA TYR A 308 -19.80 3.88 -7.42
C TYR A 308 -20.16 4.14 -5.94
N THR A 309 -20.25 3.11 -5.12
CA THR A 309 -20.66 3.29 -3.72
C THR A 309 -19.56 3.00 -2.68
N LEU A 310 -18.40 2.55 -3.16
CA LEU A 310 -17.28 2.18 -2.31
C LEU A 310 -17.79 1.09 -1.35
N ALA A 311 -18.50 0.10 -1.92
CA ALA A 311 -19.01 -0.98 -1.10
C ALA A 311 -18.48 -2.26 -1.68
N ILE A 312 -18.67 -3.33 -0.88
CA ILE A 312 -18.31 -4.69 -1.24
C ILE A 312 -19.62 -5.45 -1.46
N ASP A 313 -19.74 -6.04 -2.64
CA ASP A 313 -20.90 -6.83 -2.99
C ASP A 313 -20.55 -8.29 -2.74
N VAL A 314 -21.41 -9.00 -2.01
CA VAL A 314 -21.05 -10.35 -1.79
C VAL A 314 -21.85 -11.06 -2.81
N LEU A 315 -21.13 -11.91 -3.53
CA LEU A 315 -21.63 -12.73 -4.61
C LEU A 315 -21.76 -14.11 -3.99
N ASP A 316 -22.93 -14.45 -3.46
CA ASP A 316 -23.07 -15.77 -2.87
C ASP A 316 -24.27 -16.57 -3.42
N SER A 317 -24.81 -16.15 -4.58
CA SER A 317 -25.98 -16.79 -5.20
C SER A 317 -26.15 -16.46 -6.68
N PRO A 318 -26.89 -17.30 -7.43
CA PRO A 318 -27.03 -16.92 -8.83
C PRO A 318 -27.52 -15.49 -9.00
N HIS A 319 -28.42 -15.06 -8.13
CA HIS A 319 -28.98 -13.74 -8.27
C HIS A 319 -27.95 -12.61 -8.09
N THR A 320 -27.15 -12.60 -7.03
CA THR A 320 -26.18 -11.53 -6.86
C THR A 320 -25.15 -11.62 -8.04
N ILE A 321 -24.83 -12.79 -8.55
CA ILE A 321 -23.90 -12.82 -9.67
C ILE A 321 -24.58 -12.20 -10.93
N GLN A 322 -25.84 -12.53 -11.15
CA GLN A 322 -26.56 -11.97 -12.27
C GLN A 322 -26.62 -10.43 -12.18
N ARG A 323 -26.84 -9.91 -10.98
CA ARG A 323 -26.90 -8.48 -10.80
C ARG A 323 -25.60 -7.77 -11.27
N SER A 324 -24.45 -8.37 -10.97
CA SER A 324 -23.16 -7.79 -11.36
C SER A 324 -22.96 -7.94 -12.87
N LEU A 325 -23.43 -9.07 -13.36
CA LEU A 325 -23.29 -9.36 -14.77
C LEU A 325 -23.97 -8.27 -15.53
N GLU A 326 -25.12 -7.85 -15.05
CA GLU A 326 -25.83 -6.75 -15.74
C GLU A 326 -24.90 -5.53 -15.85
N GLY A 327 -24.23 -5.12 -14.79
CA GLY A 327 -23.34 -3.97 -14.91
C GLY A 327 -22.31 -4.23 -16.05
N VAL A 328 -21.79 -5.46 -16.14
CA VAL A 328 -20.80 -5.80 -17.16
C VAL A 328 -21.43 -5.73 -18.54
N GLN A 329 -22.65 -6.21 -18.63
CA GLN A 329 -23.34 -6.16 -19.91
C GLN A 329 -23.57 -4.68 -20.31
N ASP A 330 -23.82 -3.76 -19.36
CA ASP A 330 -24.03 -2.35 -19.71
C ASP A 330 -22.78 -1.84 -20.40
N GLU A 331 -21.62 -2.09 -19.77
CA GLU A 331 -20.33 -1.71 -20.28
C GLU A 331 -20.01 -2.28 -21.65
N LEU A 332 -20.18 -3.57 -21.82
CA LEU A 332 -19.93 -4.08 -23.15
C LEU A 332 -20.79 -3.29 -24.17
N HIS A 333 -21.98 -2.81 -23.77
CA HIS A 333 -22.82 -2.04 -24.72
C HIS A 333 -22.17 -0.73 -25.12
N THR A 334 -21.60 -0.07 -24.12
CA THR A 334 -20.94 1.19 -24.35
C THR A 334 -19.78 0.94 -25.30
N LEU A 335 -19.06 -0.18 -25.15
CA LEU A 335 -17.93 -0.42 -26.03
C LEU A 335 -18.41 -0.78 -27.42
N ALA A 336 -19.57 -1.40 -27.52
CA ALA A 336 -20.05 -1.70 -28.85
C ALA A 336 -20.30 -0.38 -29.56
N HIS A 337 -20.83 0.62 -28.85
CA HIS A 337 -21.12 1.88 -29.45
C HIS A 337 -19.89 2.62 -29.83
N ALA A 338 -18.87 2.63 -28.98
CA ALA A 338 -17.62 3.31 -29.33
C ALA A 338 -17.00 2.66 -30.60
N LEU A 339 -17.26 1.38 -30.84
CA LEU A 339 -16.70 0.83 -32.03
C LEU A 339 -17.41 1.43 -33.24
N SER A 340 -18.74 1.55 -33.24
CA SER A 340 -19.36 2.14 -34.43
C SER A 340 -18.98 3.62 -34.63
N ALA A 341 -18.91 4.39 -33.54
CA ALA A 341 -18.55 5.81 -33.60
C ALA A 341 -17.17 6.05 -34.24
N ILE A 342 -16.20 5.18 -33.98
CA ILE A 342 -14.89 5.41 -34.54
C ILE A 342 -14.76 4.70 -35.86
N SER A 343 -15.93 4.34 -36.41
CA SER A 343 -16.15 3.71 -37.71
C SER A 343 -16.34 2.22 -37.75
#